data_6NSA
#
_entry.id   6NSA
#
_cell.length_a   101.462
_cell.length_b   101.462
_cell.length_c   388.077
_cell.angle_alpha   90.00
_cell.angle_beta   90.00
_cell.angle_gamma   120.00
#
_symmetry.space_group_name_H-M   'H 3 2'
#
loop_
_entity.id
_entity.type
_entity.pdbx_description
1 polymer 'Hemagglutinin HA1 chain'
2 polymer 'Hemagglutinin HA2 chain'
3 branched alpha-D-mannopyranose-(1-3)-beta-D-mannopyranose-(1-4)-2-acetamido-2-deoxy-beta-D-glucopyranose-(1-4)-2-acetamido-2-deoxy-beta-D-glucopyranose
4 branched 2-acetamido-2-deoxy-beta-D-glucopyranose-(1-4)-2-acetamido-2-deoxy-beta-D-glucopyranose
5 branched alpha-D-mannopyranose-(1-3)-[alpha-D-mannopyranose-(1-6)]beta-D-mannopyranose-(1-4)-2-acetamido-2-deoxy-beta-D-glucopyranose-(1-4)-2-acetamido-2-deoxy-beta-D-glucopyranose
6 branched 'N-acetyl-alpha-neuraminic acid-(2-3)-beta-D-galactopyranose-(1-4)-2-acetamido-2-deoxy-beta-D-glucopyranose-(1-3)-beta-D-galactopyranose'
7 non-polymer 2-acetamido-2-deoxy-beta-D-glucopyranose
8 water water
#
loop_
_entity_poly.entity_id
_entity_poly.type
_entity_poly.pdbx_seq_one_letter_code
_entity_poly.pdbx_strand_id
1 'polypeptide(L)'
;PGATLCLGHHAVPNGTIVKTITNDQIEVTNATELVQNSSIGEICDSPHQILDGENCTLIDALLGDPQCDGFQNKKWDLFV
ERSKAYSNCYPYDVPDYASLRSLVASSGTLEFNNESFNWTGVTQNGTSSACIRRSNNSFFSRLNWLTQLNFKYPALNVTM
PNNEQFDKLYIWGVHHPVTDKDQIFLYAQSSGRITVSTKRSQQAVIPNIGYRPRIRNIPSRISIYWTIVKPGDILLINST
GNLIAPRGYFKIRSGKSSIMRSDAPIGKCNSECITPNGSIPNDKPFQNVNRITYGACPRYVKQSTLKLATGMRNVPEKQT
R
;
A
2 'polypeptide(L)'
;GIFGAIAGFIENGWEGMVDGWYGFRHQNSEGRGQAADLKSTQAAIDQINGKLNRLIGKTNEKFHQIEKEFSEVEGRIQDL
EKYVEDTKIDLWSYNAELLVALENQHTIDLTDSEMNKLFEKTKKQLRENAEDMGNGCFKIYHKCDNACIGSIRNGTYDHD
VYRDEALNNRFQIKGV
;
B
#
# COMPACT_ATOMS: atom_id res chain seq x y z
N PRO A 1 10.60 54.91 36.43
CA PRO A 1 9.90 53.62 36.35
C PRO A 1 10.30 52.73 35.16
N GLY A 2 10.26 53.28 33.94
CA GLY A 2 10.68 52.56 32.75
C GLY A 2 9.62 51.68 32.14
N ALA A 3 10.04 50.52 31.65
CA ALA A 3 9.13 49.55 31.06
C ALA A 3 9.63 48.15 31.31
N THR A 4 8.75 47.18 31.13
CA THR A 4 9.14 45.78 31.11
CA THR A 4 9.10 45.77 31.13
C THR A 4 8.68 45.17 29.79
N LEU A 5 9.54 44.37 29.19
CA LEU A 5 9.24 43.68 27.94
C LEU A 5 9.57 42.19 28.07
N CYS A 6 8.57 41.33 27.90
CA CYS A 6 8.68 39.89 28.08
C CYS A 6 8.50 39.19 26.77
N LEU A 7 9.35 38.20 26.53
CA LEU A 7 9.27 37.35 25.35
C LEU A 7 8.52 36.09 25.72
N GLY A 8 7.68 35.63 24.80
CA GLY A 8 6.92 34.41 25.05
C GLY A 8 6.48 33.70 23.81
N HIS A 9 5.77 32.60 24.03
CA HIS A 9 5.19 31.80 22.96
C HIS A 9 3.80 31.35 23.33
N HIS A 10 3.04 30.91 22.33
CA HIS A 10 1.68 30.50 22.58
C HIS A 10 1.61 29.15 23.33
N ALA A 11 0.39 28.85 23.76
CA ALA A 11 0.07 27.58 24.38
C ALA A 11 -1.42 27.36 24.13
N VAL A 12 -1.84 26.10 24.17
CA VAL A 12 -3.24 25.74 23.93
C VAL A 12 -3.76 24.99 25.15
N PRO A 13 -5.10 25.05 25.37
CA PRO A 13 -5.67 24.28 26.48
C PRO A 13 -5.74 22.78 26.17
N ASN A 14 -5.88 22.39 24.89
CA ASN A 14 -6.00 20.97 24.48
C ASN A 14 -4.77 20.41 23.72
N GLY A 15 -3.64 20.20 24.39
CA GLY A 15 -2.42 19.69 23.71
C GLY A 15 -2.50 18.21 23.38
N THR A 16 -1.51 17.68 22.65
CA THR A 16 -1.47 16.26 22.31
C THR A 16 -0.11 15.67 22.63
N ILE A 17 -0.09 14.39 22.99
CA ILE A 17 1.12 13.74 23.45
C ILE A 17 1.83 13.11 22.25
N VAL A 18 3.14 13.37 22.15
CA VAL A 18 3.99 12.75 21.15
C VAL A 18 5.23 12.14 21.80
N LYS A 19 5.97 11.34 21.04
CA LYS A 19 7.24 10.73 21.47
C LYS A 19 8.38 11.46 20.78
N THR A 20 9.46 11.72 21.52
CA THR A 20 10.71 12.24 20.95
C THR A 20 11.84 11.29 21.33
N ILE A 21 13.08 11.69 21.08
CA ILE A 21 14.22 10.92 21.57
C ILE A 21 14.35 11.24 23.03
N THR A 22 14.22 12.54 23.37
CA THR A 22 14.36 13.00 24.76
C THR A 22 13.26 12.41 25.68
N ASN A 23 12.01 12.35 25.20
CA ASN A 23 10.84 11.97 26.04
C ASN A 23 9.94 10.94 25.38
N ASP A 24 9.54 9.94 26.16
CA ASP A 24 8.53 8.98 25.75
C ASP A 24 7.15 9.65 25.57
N GLN A 25 6.88 10.71 26.33
CA GLN A 25 5.63 11.48 26.21
C GLN A 25 5.92 12.95 26.44
N ILE A 26 5.59 13.79 25.48
CA ILE A 26 5.69 15.22 25.66
CA ILE A 26 5.74 15.23 25.58
C ILE A 26 4.49 15.84 24.97
N GLU A 27 3.89 16.81 25.67
CA GLU A 27 2.73 17.47 25.14
C GLU A 27 3.18 18.60 24.21
N VAL A 28 2.63 18.59 23.00
CA VAL A 28 2.81 19.65 22.02
C VAL A 28 1.48 20.31 21.69
N THR A 29 1.52 21.47 21.01
CA THR A 29 0.30 22.21 20.69
C THR A 29 -0.54 21.55 19.63
N ASN A 30 0.06 20.72 18.78
CA ASN A 30 -0.66 20.11 17.69
C ASN A 30 0.15 18.95 17.09
N ALA A 31 -0.55 17.98 16.51
CA ALA A 31 0.10 16.83 15.89
C ALA A 31 -0.79 16.30 14.78
N THR A 32 -0.24 15.46 13.92
CA THR A 32 -0.97 14.83 12.84
C THR A 32 -0.63 13.33 12.82
N GLU A 33 -1.59 12.54 12.37
CA GLU A 33 -1.49 11.06 12.40
C GLU A 33 -0.80 10.57 11.16
N LEU A 34 0.25 9.74 11.31
CA LEU A 34 0.96 9.22 10.13
C LEU A 34 0.58 7.78 9.76
N VAL A 35 -0.28 7.13 10.56
CA VAL A 35 -0.73 5.77 10.28
C VAL A 35 -2.21 5.78 9.88
N GLN A 36 -2.45 5.39 8.63
CA GLN A 36 -3.83 5.22 8.14
C GLN A 36 -4.40 3.95 8.74
N ASN A 37 -5.51 4.10 9.47
CA ASN A 37 -6.04 2.97 10.18
C ASN A 37 -7.45 2.54 9.74
N SER A 38 -7.98 3.12 8.67
CA SER A 38 -9.33 2.77 8.23
C SER A 38 -9.38 2.65 6.71
N SER A 39 -10.33 1.83 6.23
CA SER A 39 -10.71 1.72 4.84
CA SER A 39 -10.69 1.78 4.83
C SER A 39 -12.13 2.22 4.72
N ILE A 40 -12.52 2.53 3.49
CA ILE A 40 -13.91 2.91 3.17
CA ILE A 40 -13.92 2.91 3.24
C ILE A 40 -14.79 1.67 2.97
N GLY A 41 -14.22 0.48 3.07
CA GLY A 41 -14.99 -0.78 3.03
C GLY A 41 -15.47 -1.23 1.66
N GLU A 42 -15.00 -0.56 0.62
CA GLU A 42 -15.30 -0.87 -0.77
CA GLU A 42 -15.29 -0.93 -0.76
C GLU A 42 -14.04 -0.68 -1.59
N ILE A 43 -13.91 -1.44 -2.69
CA ILE A 43 -12.80 -1.30 -3.62
C ILE A 43 -13.29 -0.40 -4.74
N CYS A 44 -12.69 0.78 -4.83
CA CYS A 44 -13.08 1.74 -5.82
C CYS A 44 -12.71 1.22 -7.23
N ASP A 45 -13.63 1.32 -8.18
CA ASP A 45 -13.43 0.86 -9.56
C ASP A 45 -12.51 1.75 -10.42
N SER A 46 -12.09 2.87 -9.86
CA SER A 46 -11.18 3.79 -10.50
C SER A 46 -10.01 4.09 -9.52
N PRO A 47 -8.82 4.39 -10.03
CA PRO A 47 -8.48 4.49 -11.48
C PRO A 47 -7.88 3.20 -12.08
N HIS A 48 -7.86 2.11 -11.31
CA HIS A 48 -7.36 0.83 -11.81
C HIS A 48 -8.50 0.05 -12.43
N GLN A 49 -8.18 -0.75 -13.46
CA GLN A 49 -9.17 -1.62 -14.09
C GLN A 49 -9.37 -2.83 -13.21
N ILE A 50 -10.55 -2.90 -12.60
CA ILE A 50 -10.93 -3.97 -11.71
C ILE A 50 -11.73 -5.02 -12.44
N LEU A 51 -11.40 -6.29 -12.25
CA LEU A 51 -12.23 -7.37 -12.73
C LEU A 51 -12.68 -8.19 -11.52
N ASP A 52 -13.97 -8.10 -11.22
CA ASP A 52 -14.60 -8.86 -10.13
C ASP A 52 -14.84 -10.28 -10.62
N GLY A 53 -14.15 -11.23 -10.00
CA GLY A 53 -14.30 -12.64 -10.36
C GLY A 53 -15.70 -13.23 -10.05
N GLU A 54 -16.44 -12.61 -9.14
CA GLU A 54 -17.78 -13.10 -8.73
C GLU A 54 -17.68 -14.57 -8.33
N ASN A 55 -18.39 -15.49 -8.99
CA ASN A 55 -18.30 -16.93 -8.64
C ASN A 55 -17.08 -17.67 -9.21
N CYS A 56 -16.24 -16.95 -9.95
CA CYS A 56 -15.13 -17.55 -10.68
C CYS A 56 -13.79 -17.21 -10.09
N THR A 57 -12.98 -18.24 -9.85
CA THR A 57 -11.55 -18.05 -9.67
C THR A 57 -10.95 -17.64 -11.01
N LEU A 58 -9.76 -17.07 -10.98
CA LEU A 58 -9.06 -16.75 -12.21
C LEU A 58 -8.82 -18.02 -13.03
N ILE A 59 -8.41 -19.11 -12.38
CA ILE A 59 -8.14 -20.35 -13.12
C ILE A 59 -9.41 -20.90 -13.80
N ASP A 60 -10.56 -20.82 -13.14
CA ASP A 60 -11.84 -21.23 -13.76
C ASP A 60 -12.25 -20.32 -14.94
N ALA A 61 -11.99 -19.03 -14.83
CA ALA A 61 -12.17 -18.11 -15.96
C ALA A 61 -11.22 -18.45 -17.11
N LEU A 62 -9.99 -18.83 -16.79
CA LEU A 62 -9.00 -19.27 -17.79
C LEU A 62 -9.43 -20.55 -18.55
N LEU A 63 -9.75 -21.60 -17.80
CA LEU A 63 -10.09 -22.88 -18.40
C LEU A 63 -11.41 -22.77 -19.17
N GLY A 64 -12.29 -21.89 -18.69
CA GLY A 64 -13.60 -21.68 -19.31
C GLY A 64 -14.71 -22.48 -18.65
N ASP A 65 -14.78 -22.43 -17.33
CA ASP A 65 -15.92 -22.95 -16.56
C ASP A 65 -17.19 -22.22 -17.08
N PRO A 66 -18.32 -22.95 -17.32
CA PRO A 66 -19.55 -22.37 -17.92
C PRO A 66 -20.09 -21.08 -17.28
N GLN A 67 -20.07 -21.01 -15.95
CA GLN A 67 -20.43 -19.74 -15.27
C GLN A 67 -19.46 -18.56 -15.50
N CYS A 68 -18.31 -18.82 -16.12
CA CYS A 68 -17.28 -17.80 -16.35
C CYS A 68 -17.18 -17.36 -17.80
N ASP A 69 -18.18 -17.69 -18.64
CA ASP A 69 -18.12 -17.39 -20.08
C ASP A 69 -18.05 -15.88 -20.34
N GLY A 70 -18.69 -15.10 -19.47
CA GLY A 70 -18.64 -13.64 -19.52
C GLY A 70 -17.26 -13.01 -19.43
N PHE A 71 -16.29 -13.75 -18.88
CA PHE A 71 -14.91 -13.28 -18.70
C PHE A 71 -14.00 -13.43 -19.92
N GLN A 72 -14.46 -14.08 -21.00
CA GLN A 72 -13.61 -14.35 -22.13
C GLN A 72 -12.90 -13.09 -22.61
N ASN A 73 -11.59 -13.19 -22.73
CA ASN A 73 -10.75 -12.16 -23.39
C ASN A 73 -10.61 -10.83 -22.61
N LYS A 74 -11.10 -10.78 -21.38
CA LYS A 74 -11.01 -9.55 -20.61
C LYS A 74 -9.62 -9.34 -20.04
N LYS A 75 -9.32 -8.07 -19.73
CA LYS A 75 -8.07 -7.64 -19.12
C LYS A 75 -8.35 -7.02 -17.75
N TRP A 76 -7.30 -6.91 -16.94
CA TRP A 76 -7.43 -6.24 -15.65
C TRP A 76 -6.11 -5.65 -15.22
N ASP A 77 -6.19 -4.66 -14.34
CA ASP A 77 -5.09 -4.31 -13.44
C ASP A 77 -5.16 -5.21 -12.18
N LEU A 78 -6.35 -5.34 -11.60
CA LEU A 78 -6.53 -6.16 -10.40
C LEU A 78 -7.72 -7.09 -10.55
N PHE A 79 -7.46 -8.39 -10.52
CA PHE A 79 -8.49 -9.43 -10.52
C PHE A 79 -8.84 -9.70 -9.05
N VAL A 80 -10.12 -9.61 -8.71
CA VAL A 80 -10.58 -9.80 -7.33
C VAL A 80 -11.29 -11.14 -7.24
N GLU A 81 -10.72 -12.07 -6.46
CA GLU A 81 -11.31 -13.39 -6.22
C GLU A 81 -12.08 -13.37 -4.92
N ARG A 82 -13.30 -13.91 -4.98
CA ARG A 82 -14.23 -13.92 -3.89
C ARG A 82 -14.17 -15.24 -3.15
N SER A 83 -14.39 -15.22 -1.83
CA SER A 83 -14.29 -16.44 -1.03
C SER A 83 -15.39 -17.44 -1.36
N LYS A 84 -16.53 -16.93 -1.84
CA LYS A 84 -17.65 -17.78 -2.26
C LYS A 84 -17.43 -18.52 -3.59
N ALA A 85 -16.39 -18.19 -4.35
CA ALA A 85 -16.20 -18.76 -5.69
C ALA A 85 -16.15 -20.27 -5.62
N TYR A 86 -16.71 -20.95 -6.61
CA TYR A 86 -16.70 -22.41 -6.64
C TYR A 86 -16.64 -22.88 -8.06
N SER A 87 -16.00 -24.03 -8.26
CA SER A 87 -15.94 -24.66 -9.57
C SER A 87 -17.22 -25.43 -9.83
N ASN A 88 -17.63 -25.46 -11.10
CA ASN A 88 -18.85 -26.13 -11.49
C ASN A 88 -18.72 -26.89 -12.83
N CYS A 89 -17.58 -27.53 -13.05
CA CYS A 89 -17.29 -28.22 -14.32
C CYS A 89 -16.61 -29.53 -13.97
N TYR A 90 -15.86 -30.12 -14.89
CA TYR A 90 -15.25 -31.42 -14.60
C TYR A 90 -14.26 -31.21 -13.46
N PRO A 91 -14.23 -32.11 -12.45
CA PRO A 91 -13.31 -31.86 -11.36
C PRO A 91 -11.85 -31.97 -11.82
N TYR A 92 -11.03 -31.02 -11.36
CA TYR A 92 -9.66 -30.95 -11.81
C TYR A 92 -8.74 -30.51 -10.69
N ASP A 93 -7.45 -30.73 -10.90
CA ASP A 93 -6.44 -30.07 -10.10
C ASP A 93 -5.33 -29.54 -11.01
N VAL A 94 -4.52 -28.63 -10.47
CA VAL A 94 -3.40 -28.07 -11.17
C VAL A 94 -2.18 -28.27 -10.29
N PRO A 95 -1.32 -29.25 -10.63
CA PRO A 95 -0.01 -29.27 -9.97
C PRO A 95 0.68 -27.88 -10.10
N ASP A 96 1.18 -27.32 -9.02
CA ASP A 96 1.62 -25.90 -8.97
C ASP A 96 0.54 -24.87 -9.46
N TYR A 97 -0.68 -25.10 -8.97
CA TYR A 97 -1.80 -24.18 -9.08
C TYR A 97 -1.37 -22.74 -8.77
N ALA A 98 -0.69 -22.55 -7.65
CA ALA A 98 -0.30 -21.21 -7.24
C ALA A 98 0.54 -20.47 -8.30
N SER A 99 1.43 -21.18 -9.00
CA SER A 99 2.25 -20.56 -10.02
C SER A 99 1.47 -20.18 -11.27
N LEU A 100 0.55 -21.05 -11.71
CA LEU A 100 -0.27 -20.75 -12.90
C LEU A 100 -1.15 -19.56 -12.59
N ARG A 101 -1.78 -19.57 -11.42
CA ARG A 101 -2.57 -18.42 -10.94
C ARG A 101 -1.75 -17.12 -10.93
N SER A 102 -0.54 -17.16 -10.36
CA SER A 102 0.34 -15.99 -10.32
C SER A 102 0.72 -15.47 -11.69
N LEU A 103 1.04 -16.36 -12.61
CA LEU A 103 1.59 -15.88 -13.88
C LEU A 103 0.48 -15.30 -14.77
N VAL A 104 -0.72 -15.88 -14.70
CA VAL A 104 -1.86 -15.31 -15.43
C VAL A 104 -2.24 -13.97 -14.79
N ALA A 105 -2.32 -13.92 -13.47
CA ALA A 105 -2.65 -12.68 -12.74
C ALA A 105 -1.73 -11.54 -13.13
N SER A 106 -0.43 -11.83 -13.17
CA SER A 106 0.58 -10.84 -13.48
C SER A 106 0.56 -10.45 -14.94
N SER A 107 0.19 -11.38 -15.81
CA SER A 107 0.01 -11.11 -17.22
C SER A 107 -1.15 -10.15 -17.49
N GLY A 108 -2.25 -10.31 -16.76
CA GLY A 108 -3.34 -9.35 -16.75
C GLY A 108 -4.29 -9.43 -17.93
N THR A 109 -4.34 -10.58 -18.62
CA THR A 109 -5.20 -10.77 -19.77
C THR A 109 -5.64 -12.24 -19.92
N LEU A 110 -6.91 -12.40 -20.29
CA LEU A 110 -7.46 -13.68 -20.72
C LEU A 110 -7.60 -13.79 -22.27
N GLU A 111 -6.99 -12.86 -23.02
CA GLU A 111 -7.08 -12.91 -24.50
C GLU A 111 -6.65 -14.30 -25.00
N PHE A 112 -7.51 -14.92 -25.81
CA PHE A 112 -7.35 -16.29 -26.30
C PHE A 112 -7.53 -16.26 -27.80
N ASN A 113 -6.60 -16.89 -28.52
CA ASN A 113 -6.70 -17.08 -29.96
C ASN A 113 -6.86 -18.58 -30.27
N ASN A 114 -7.97 -18.93 -30.91
CA ASN A 114 -8.19 -20.29 -31.40
C ASN A 114 -7.19 -20.67 -32.48
N GLU A 115 -6.77 -21.93 -32.46
CA GLU A 115 -5.96 -22.51 -33.52
C GLU A 115 -6.53 -23.86 -33.98
N SER A 116 -6.24 -24.20 -35.23
CA SER A 116 -6.69 -25.43 -35.86
C SER A 116 -5.66 -26.54 -35.71
N PHE A 117 -5.80 -27.32 -34.65
CA PHE A 117 -4.95 -28.49 -34.45
C PHE A 117 -5.50 -29.62 -35.33
N ASN A 118 -4.62 -30.32 -36.01
CA ASN A 118 -5.02 -31.46 -36.84
C ASN A 118 -5.30 -32.69 -35.95
N TRP A 119 -6.53 -32.83 -35.44
CA TRP A 119 -6.92 -34.04 -34.66
C TRP A 119 -7.68 -35.06 -35.53
N THR A 120 -6.92 -35.81 -36.32
CA THR A 120 -7.53 -36.81 -37.20
C THR A 120 -7.65 -38.17 -36.50
N GLY A 121 -8.78 -38.84 -36.68
CA GLY A 121 -9.00 -40.20 -36.19
C GLY A 121 -9.50 -40.34 -34.75
N VAL A 122 -9.87 -39.21 -34.13
CA VAL A 122 -10.41 -39.23 -32.76
C VAL A 122 -11.74 -38.48 -32.74
N THR A 123 -12.53 -38.75 -31.72
CA THR A 123 -13.75 -38.00 -31.47
C THR A 123 -13.38 -36.75 -30.69
N GLN A 124 -13.90 -35.60 -31.11
CA GLN A 124 -13.58 -34.32 -30.48
C GLN A 124 -14.75 -33.85 -29.64
N ASN A 125 -14.50 -32.80 -28.86
CA ASN A 125 -15.55 -32.05 -28.19
C ASN A 125 -16.31 -32.91 -27.19
N GLY A 126 -15.58 -33.76 -26.47
CA GLY A 126 -16.19 -34.54 -25.40
C GLY A 126 -16.78 -33.65 -24.32
N THR A 127 -17.89 -34.12 -23.75
CA THR A 127 -18.63 -33.37 -22.74
C THR A 127 -19.04 -34.27 -21.56
N SER A 128 -19.56 -33.65 -20.50
CA SER A 128 -19.95 -34.36 -19.25
C SER A 128 -21.11 -33.66 -18.53
N SER A 129 -21.88 -34.45 -17.77
CA SER A 129 -22.98 -33.95 -16.94
C SER A 129 -22.47 -33.15 -15.74
N ALA A 130 -21.18 -33.33 -15.42
CA ALA A 130 -20.50 -32.52 -14.41
C ALA A 130 -20.25 -31.06 -14.83
N CYS A 131 -20.45 -30.73 -16.11
CA CYS A 131 -20.15 -29.41 -16.62
C CYS A 131 -21.24 -28.93 -17.54
N ILE A 132 -22.32 -28.45 -16.93
CA ILE A 132 -23.53 -28.05 -17.66
C ILE A 132 -23.41 -26.63 -18.22
N ARG A 133 -23.66 -26.47 -19.53
CA ARG A 133 -23.72 -25.15 -20.17
C ARG A 133 -25.04 -25.02 -20.90
N ARG A 134 -25.83 -24.00 -20.55
CA ARG A 134 -27.19 -23.81 -21.09
C ARG A 134 -27.94 -25.14 -21.19
N SER A 135 -28.08 -25.79 -20.04
CA SER A 135 -28.88 -27.01 -19.88
C SER A 135 -28.32 -28.31 -20.51
N ASN A 136 -27.23 -28.23 -21.28
CA ASN A 136 -26.65 -29.40 -21.93
C ASN A 136 -25.36 -29.79 -21.25
N ASN A 137 -24.99 -31.07 -21.38
CA ASN A 137 -23.67 -31.53 -20.99
C ASN A 137 -22.65 -30.73 -21.80
N SER A 138 -21.55 -30.37 -21.16
CA SER A 138 -20.56 -29.54 -21.81
C SER A 138 -19.18 -29.78 -21.19
N PHE A 139 -18.26 -28.86 -21.48
CA PHE A 139 -16.89 -28.98 -21.03
C PHE A 139 -16.28 -27.58 -20.91
N PHE A 140 -15.09 -27.50 -20.31
CA PHE A 140 -14.29 -26.28 -20.32
C PHE A 140 -14.22 -25.71 -21.74
N SER A 141 -14.56 -24.43 -21.89
CA SER A 141 -14.60 -23.79 -23.19
C SER A 141 -13.27 -23.82 -23.95
N ARG A 142 -12.16 -23.74 -23.23
CA ARG A 142 -10.86 -23.61 -23.89
C ARG A 142 -10.15 -24.95 -24.05
N LEU A 143 -10.78 -26.05 -23.63
CA LEU A 143 -10.17 -27.38 -23.76
C LEU A 143 -11.01 -28.31 -24.62
N ASN A 144 -10.33 -29.28 -25.24
CA ASN A 144 -10.98 -30.21 -26.18
C ASN A 144 -10.75 -31.63 -25.73
N TRP A 145 -11.79 -32.26 -25.18
CA TRP A 145 -11.72 -33.64 -24.70
C TRP A 145 -11.78 -34.63 -25.86
N LEU A 146 -10.63 -35.21 -26.17
CA LEU A 146 -10.49 -36.17 -27.26
C LEU A 146 -10.64 -37.61 -26.76
N THR A 147 -11.41 -38.42 -27.49
CA THR A 147 -11.61 -39.83 -27.16
C THR A 147 -11.54 -40.68 -28.43
N GLN A 148 -11.58 -42.00 -28.24
CA GLN A 148 -11.56 -42.96 -29.36
C GLN A 148 -12.69 -42.75 -30.37
N LEU A 149 -12.40 -43.09 -31.64
CA LEU A 149 -13.36 -43.09 -32.74
C LEU A 149 -13.31 -44.47 -33.41
N ASN A 150 -14.48 -45.07 -33.62
CA ASN A 150 -14.58 -46.39 -34.24
C ASN A 150 -13.67 -47.40 -33.51
N PHE A 151 -13.79 -47.40 -32.19
CA PHE A 151 -12.98 -48.21 -31.27
C PHE A 151 -11.45 -48.11 -31.40
N LYS A 152 -10.96 -47.04 -32.02
CA LYS A 152 -9.54 -46.82 -32.20
C LYS A 152 -9.13 -45.44 -31.69
N TYR A 153 -7.89 -45.35 -31.19
CA TYR A 153 -7.32 -44.06 -30.83
C TYR A 153 -5.93 -44.05 -31.46
N PRO A 154 -5.84 -43.55 -32.71
CA PRO A 154 -4.56 -43.50 -33.42
C PRO A 154 -3.65 -42.45 -32.79
N ALA A 155 -2.42 -42.85 -32.52
CA ALA A 155 -1.42 -41.98 -31.88
C ALA A 155 -1.39 -40.58 -32.49
N LEU A 156 -1.42 -39.57 -31.63
CA LEU A 156 -1.39 -38.18 -32.07
C LEU A 156 0.04 -37.67 -32.11
N ASN A 157 0.35 -36.88 -33.14
CA ASN A 157 1.68 -36.31 -33.31
C ASN A 157 1.50 -35.01 -34.07
N VAL A 158 1.16 -33.96 -33.33
CA VAL A 158 0.66 -32.71 -33.89
C VAL A 158 1.57 -31.55 -33.52
N THR A 159 1.79 -30.66 -34.47
CA THR A 159 2.72 -29.55 -34.36
C THR A 159 1.95 -28.23 -34.44
N MET A 160 2.37 -27.22 -33.67
CA MET A 160 1.87 -25.84 -33.82
C MET A 160 2.99 -24.80 -33.66
N PRO A 161 3.51 -24.25 -34.78
CA PRO A 161 4.59 -23.29 -34.69
C PRO A 161 4.12 -21.92 -34.17
N ASN A 162 4.99 -21.25 -33.43
CA ASN A 162 4.73 -19.87 -33.01
C ASN A 162 5.49 -18.97 -33.98
N ASN A 163 4.76 -18.39 -34.93
CA ASN A 163 5.31 -17.44 -35.88
C ASN A 163 4.92 -16.00 -35.55
N GLU A 164 4.53 -15.77 -34.30
CA GLU A 164 4.11 -14.45 -33.85
C GLU A 164 5.31 -13.72 -33.27
N GLN A 165 5.09 -12.47 -32.88
CA GLN A 165 6.10 -11.67 -32.18
C GLN A 165 5.97 -11.71 -30.66
N PHE A 166 5.07 -12.55 -30.14
CA PHE A 166 4.84 -12.68 -28.70
C PHE A 166 4.83 -14.15 -28.27
N ASP A 167 4.94 -14.35 -26.96
CA ASP A 167 4.85 -15.67 -26.36
C ASP A 167 3.41 -16.15 -26.37
N LYS A 168 3.26 -17.48 -26.48
CA LYS A 168 1.98 -18.14 -26.41
C LYS A 168 1.95 -18.99 -25.15
N LEU A 169 0.86 -18.91 -24.40
CA LEU A 169 0.63 -19.78 -23.26
C LEU A 169 -0.44 -20.81 -23.62
N TYR A 170 -0.05 -22.08 -23.56
CA TYR A 170 -0.96 -23.19 -23.83
C TYR A 170 -1.33 -23.87 -22.53
N ILE A 171 -2.63 -24.04 -22.32
CA ILE A 171 -3.21 -24.83 -21.23
C ILE A 171 -3.78 -26.15 -21.80
N TRP A 172 -3.37 -27.25 -21.19
CA TRP A 172 -3.79 -28.57 -21.58
C TRP A 172 -3.89 -29.47 -20.33
N GLY A 173 -4.26 -30.73 -20.53
CA GLY A 173 -4.43 -31.62 -19.41
C GLY A 173 -4.41 -33.09 -19.70
N VAL A 174 -4.59 -33.87 -18.65
N VAL A 174 -4.58 -33.89 -18.65
CA VAL A 174 -4.61 -35.33 -18.72
CA VAL A 174 -4.62 -35.32 -18.75
C VAL A 174 -5.83 -35.80 -17.96
C VAL A 174 -5.81 -35.81 -17.96
N HIS A 175 -6.59 -36.71 -18.56
CA HIS A 175 -7.73 -37.32 -17.89
C HIS A 175 -7.22 -38.56 -17.17
N HIS A 176 -7.54 -38.66 -15.88
CA HIS A 176 -7.22 -39.81 -15.03
C HIS A 176 -8.51 -40.64 -14.87
N PRO A 177 -8.68 -41.69 -15.70
CA PRO A 177 -9.92 -42.49 -15.58
C PRO A 177 -10.03 -43.25 -14.27
N VAL A 178 -11.27 -43.52 -13.88
CA VAL A 178 -11.57 -44.18 -12.62
C VAL A 178 -11.16 -45.67 -12.61
N THR A 179 -11.33 -46.35 -13.74
CA THR A 179 -11.01 -47.77 -13.87
C THR A 179 -10.29 -48.11 -15.17
N ASP A 180 -9.71 -49.31 -15.19
CA ASP A 180 -9.04 -49.83 -16.39
C ASP A 180 -10.03 -50.04 -17.53
N LYS A 181 -11.28 -50.38 -17.19
CA LYS A 181 -12.37 -50.46 -18.14
C LYS A 181 -12.56 -49.13 -18.87
N ASP A 182 -12.74 -48.08 -18.08
CA ASP A 182 -12.97 -46.74 -18.64
C ASP A 182 -11.80 -46.26 -19.50
N GLN A 183 -10.57 -46.58 -19.10
CA GLN A 183 -9.39 -46.32 -19.96
C GLN A 183 -9.62 -46.88 -21.37
N ILE A 184 -10.09 -48.13 -21.44
CA ILE A 184 -10.35 -48.79 -22.72
C ILE A 184 -11.53 -48.13 -23.43
N PHE A 185 -12.66 -47.99 -22.74
CA PHE A 185 -13.88 -47.40 -23.32
C PHE A 185 -13.67 -46.01 -23.94
N LEU A 186 -12.80 -45.20 -23.33
CA LEU A 186 -12.51 -43.84 -23.78
C LEU A 186 -11.39 -43.73 -24.79
N TYR A 187 -10.32 -44.51 -24.59
CA TYR A 187 -9.08 -44.30 -25.34
C TYR A 187 -8.56 -45.53 -26.11
N ALA A 188 -9.34 -46.60 -26.19
CA ALA A 188 -8.97 -47.85 -26.91
C ALA A 188 -7.94 -48.74 -26.21
N GLN A 189 -6.92 -48.15 -25.60
CA GLN A 189 -5.75 -48.89 -25.13
C GLN A 189 -5.51 -48.68 -23.64
N SER A 190 -4.96 -49.73 -23.03
CA SER A 190 -4.94 -49.90 -21.59
C SER A 190 -4.09 -48.89 -20.82
N SER A 191 -3.26 -48.13 -21.52
CA SER A 191 -2.44 -47.10 -20.89
C SER A 191 -2.14 -45.94 -21.85
N GLY A 192 -2.53 -44.73 -21.45
CA GLY A 192 -2.21 -43.52 -22.20
C GLY A 192 -0.88 -42.92 -21.79
N ARG A 193 -0.37 -42.04 -22.64
CA ARG A 193 0.86 -41.29 -22.40
C ARG A 193 0.72 -39.95 -23.13
N ILE A 194 1.24 -38.87 -22.54
CA ILE A 194 1.27 -37.54 -23.18
C ILE A 194 2.67 -36.95 -23.11
N THR A 195 3.19 -36.50 -24.25
CA THR A 195 4.45 -35.78 -24.29
C THR A 195 4.23 -34.46 -25.04
N VAL A 196 4.44 -33.37 -24.32
CA VAL A 196 4.30 -32.03 -24.85
C VAL A 196 5.64 -31.36 -24.74
N SER A 197 6.15 -30.92 -25.89
CA SER A 197 7.50 -30.40 -25.97
C SER A 197 7.63 -29.21 -26.88
N THR A 198 8.74 -28.50 -26.68
CA THR A 198 9.22 -27.45 -27.56
C THR A 198 10.70 -27.73 -27.80
N LYS A 199 11.36 -26.83 -28.54
CA LYS A 199 12.82 -26.84 -28.62
C LYS A 199 13.52 -26.65 -27.26
N ARG A 200 12.88 -25.95 -26.33
CA ARG A 200 13.51 -25.63 -25.04
C ARG A 200 12.91 -26.34 -23.82
N SER A 201 11.90 -27.20 -24.03
CA SER A 201 11.23 -27.86 -22.89
C SER A 201 10.57 -29.17 -23.29
N GLN A 202 10.35 -30.03 -22.31
CA GLN A 202 9.53 -31.23 -22.50
C GLN A 202 8.80 -31.52 -21.20
N GLN A 203 7.56 -31.99 -21.31
CA GLN A 203 6.76 -32.41 -20.16
C GLN A 203 6.10 -33.71 -20.52
N ALA A 204 6.27 -34.74 -19.68
CA ALA A 204 5.74 -36.08 -19.94
C ALA A 204 4.81 -36.43 -18.80
N VAL A 205 3.61 -36.89 -19.14
CA VAL A 205 2.59 -37.23 -18.14
C VAL A 205 1.96 -38.58 -18.46
N ILE A 206 1.88 -39.43 -17.43
CA ILE A 206 1.18 -40.71 -17.49
C ILE A 206 -0.06 -40.59 -16.60
N PRO A 207 -1.25 -40.95 -17.12
CA PRO A 207 -2.43 -40.94 -16.23
C PRO A 207 -2.30 -41.99 -15.12
N ASN A 208 -3.01 -41.73 -14.03
CA ASN A 208 -3.03 -42.61 -12.85
C ASN A 208 -4.49 -43.02 -12.70
N ILE A 209 -4.78 -44.26 -13.07
CA ILE A 209 -6.12 -44.82 -12.98
C ILE A 209 -6.49 -45.08 -11.52
N GLY A 210 -7.73 -44.78 -11.17
CA GLY A 210 -8.22 -45.02 -9.81
C GLY A 210 -9.42 -44.19 -9.39
N TYR A 211 -10.00 -44.59 -8.26
CA TYR A 211 -11.14 -43.87 -7.67
C TYR A 211 -10.66 -42.69 -6.83
N ARG A 212 -11.29 -41.53 -7.04
CA ARG A 212 -11.22 -40.39 -6.14
C ARG A 212 -12.65 -40.14 -5.64
N PRO A 213 -12.79 -39.37 -4.53
CA PRO A 213 -14.16 -39.11 -4.08
C PRO A 213 -14.96 -38.36 -5.14
N ARG A 214 -16.24 -38.66 -5.22
CA ARG A 214 -17.10 -38.03 -6.22
C ARG A 214 -17.26 -36.55 -6.04
N ILE A 215 -17.08 -35.80 -7.12
CA ILE A 215 -17.41 -34.38 -7.18
C ILE A 215 -18.35 -34.23 -8.36
N ARG A 216 -19.55 -33.70 -8.11
CA ARG A 216 -20.64 -33.65 -9.10
C ARG A 216 -20.79 -35.02 -9.77
N ASN A 217 -20.81 -36.03 -8.91
CA ASN A 217 -20.97 -37.41 -9.29
C ASN A 217 -19.85 -38.03 -10.14
N ILE A 218 -18.69 -37.37 -10.21
CA ILE A 218 -17.56 -37.84 -11.01
C ILE A 218 -16.41 -38.29 -10.10
N PRO A 219 -16.04 -39.58 -10.16
CA PRO A 219 -14.94 -40.11 -9.37
C PRO A 219 -13.59 -40.09 -10.09
N SER A 220 -13.55 -39.68 -11.36
CA SER A 220 -12.27 -39.47 -12.05
C SER A 220 -11.79 -37.99 -11.92
N ARG A 221 -10.62 -37.67 -12.49
CA ARG A 221 -10.07 -36.31 -12.43
C ARG A 221 -9.32 -35.90 -13.72
N ILE A 222 -9.22 -34.59 -13.92
CA ILE A 222 -8.33 -34.00 -14.91
C ILE A 222 -7.23 -33.24 -14.18
N SER A 223 -5.99 -33.40 -14.64
CA SER A 223 -4.86 -32.64 -14.13
C SER A 223 -4.37 -31.69 -15.23
N ILE A 224 -4.19 -30.42 -14.87
CA ILE A 224 -3.90 -29.35 -15.81
C ILE A 224 -2.42 -28.99 -15.80
N TYR A 225 -1.89 -28.78 -17.00
CA TYR A 225 -0.53 -28.39 -17.23
C TYR A 225 -0.48 -27.17 -18.15
N TRP A 226 0.68 -26.52 -18.22
CA TRP A 226 0.85 -25.39 -19.11
C TRP A 226 2.22 -25.37 -19.76
N THR A 227 2.29 -24.74 -20.92
CA THR A 227 3.51 -24.68 -21.70
C THR A 227 3.56 -23.34 -22.37
N ILE A 228 4.71 -22.67 -22.26
CA ILE A 228 4.97 -21.40 -22.94
C ILE A 228 5.80 -21.65 -24.18
N VAL A 229 5.35 -21.10 -25.31
CA VAL A 229 6.04 -21.26 -26.58
C VAL A 229 6.50 -19.90 -27.08
N LYS A 230 7.81 -19.71 -27.18
CA LYS A 230 8.37 -18.42 -27.62
C LYS A 230 8.32 -18.27 -29.14
N PRO A 231 8.50 -17.03 -29.65
CA PRO A 231 8.56 -16.86 -31.11
C PRO A 231 9.67 -17.68 -31.76
N GLY A 232 9.34 -18.32 -32.87
CA GLY A 232 10.27 -19.19 -33.57
C GLY A 232 10.37 -20.59 -32.99
N ASP A 233 9.67 -20.87 -31.89
CA ASP A 233 9.63 -22.21 -31.33
C ASP A 233 8.33 -22.89 -31.81
N ILE A 234 8.13 -24.14 -31.41
CA ILE A 234 7.07 -25.01 -31.89
C ILE A 234 6.48 -25.82 -30.73
N LEU A 235 5.16 -25.85 -30.59
CA LEU A 235 4.52 -26.83 -29.72
C LEU A 235 4.40 -28.18 -30.45
N LEU A 236 4.83 -29.26 -29.79
CA LEU A 236 4.72 -30.63 -30.30
C LEU A 236 4.01 -31.51 -29.26
N ILE A 237 2.78 -31.93 -29.59
CA ILE A 237 1.97 -32.80 -28.77
C ILE A 237 2.02 -34.20 -29.38
N ASN A 238 2.47 -35.18 -28.60
CA ASN A 238 2.65 -36.57 -29.03
C ASN A 238 1.97 -37.42 -27.97
N SER A 239 0.86 -38.07 -28.33
CA SER A 239 0.01 -38.75 -27.33
C SER A 239 -0.73 -39.99 -27.86
N THR A 240 -0.73 -41.06 -27.06
CA THR A 240 -1.45 -42.31 -27.39
C THR A 240 -2.76 -42.46 -26.60
N GLY A 241 -3.20 -41.39 -25.93
CA GLY A 241 -4.45 -41.40 -25.19
C GLY A 241 -4.44 -40.46 -23.99
N ASN A 242 -5.64 -40.13 -23.52
CA ASN A 242 -5.87 -39.38 -22.26
C ASN A 242 -5.61 -37.87 -22.31
N LEU A 243 -5.26 -37.35 -23.49
CA LEU A 243 -4.99 -35.92 -23.68
C LEU A 243 -6.28 -35.12 -23.62
N ILE A 244 -6.28 -34.07 -22.80
CA ILE A 244 -7.26 -33.02 -22.85
C ILE A 244 -6.55 -31.90 -23.60
N ALA A 245 -6.94 -31.70 -24.84
CA ALA A 245 -6.18 -30.89 -25.77
C ALA A 245 -6.51 -29.40 -25.66
N PRO A 246 -5.50 -28.53 -25.94
CA PRO A 246 -5.78 -27.11 -26.05
C PRO A 246 -6.54 -26.81 -27.34
N ARG A 247 -7.36 -25.75 -27.32
CA ARG A 247 -8.04 -25.22 -28.53
C ARG A 247 -7.29 -24.03 -29.18
N GLY A 248 -6.18 -23.63 -28.55
CA GLY A 248 -5.44 -22.43 -28.94
C GLY A 248 -4.54 -21.97 -27.81
N TYR A 249 -4.21 -20.67 -27.78
CA TYR A 249 -3.26 -20.12 -26.82
C TYR A 249 -3.81 -18.84 -26.22
N PHE A 250 -3.37 -18.56 -25.00
CA PHE A 250 -3.58 -17.26 -24.34
C PHE A 250 -2.39 -16.39 -24.65
N LYS A 251 -2.64 -15.11 -24.87
CA LYS A 251 -1.54 -14.14 -24.98
C LYS A 251 -0.97 -14.03 -23.57
N ILE A 252 0.33 -13.82 -23.47
N ILE A 252 0.35 -13.92 -23.50
CA ILE A 252 0.93 -13.57 -22.18
CA ILE A 252 1.04 -13.55 -22.28
C ILE A 252 1.67 -12.25 -22.24
C ILE A 252 1.44 -12.10 -22.44
N ARG A 253 1.27 -11.29 -21.40
CA ARG A 253 1.79 -9.94 -21.39
C ARG A 253 2.63 -9.78 -20.13
N SER A 254 3.45 -8.75 -20.09
CA SER A 254 4.06 -8.34 -18.84
C SER A 254 3.60 -6.92 -18.52
N GLY A 255 3.43 -6.69 -17.22
CA GLY A 255 3.04 -5.40 -16.73
C GLY A 255 2.72 -5.47 -15.26
N LYS A 256 1.82 -4.58 -14.85
CA LYS A 256 1.63 -4.26 -13.46
C LYS A 256 0.40 -4.98 -12.87
N SER A 257 -0.10 -6.01 -13.54
CA SER A 257 -1.39 -6.60 -13.13
C SER A 257 -1.16 -7.53 -11.96
N SER A 258 -2.23 -7.76 -11.18
CA SER A 258 -2.21 -8.64 -10.03
C SER A 258 -3.60 -9.24 -9.74
N ILE A 259 -3.67 -9.98 -8.64
CA ILE A 259 -4.85 -10.66 -8.17
C ILE A 259 -4.92 -10.47 -6.66
N MET A 260 -6.13 -10.33 -6.13
CA MET A 260 -6.32 -10.11 -4.71
C MET A 260 -7.56 -10.88 -4.25
N ARG A 261 -7.44 -11.51 -3.08
CA ARG A 261 -8.56 -12.19 -2.42
C ARG A 261 -9.25 -11.15 -1.56
N SER A 262 -10.52 -10.90 -1.86
CA SER A 262 -11.31 -9.96 -1.08
C SER A 262 -12.77 -10.21 -1.21
N ASP A 263 -13.52 -9.98 -0.13
CA ASP A 263 -14.97 -9.94 -0.24
C ASP A 263 -15.57 -8.54 -0.19
N ALA A 264 -14.75 -7.49 -0.28
CA ALA A 264 -15.31 -6.14 -0.27
C ALA A 264 -16.04 -5.85 -1.60
N PRO A 265 -17.20 -5.19 -1.53
CA PRO A 265 -17.89 -4.83 -2.76
C PRO A 265 -17.08 -3.80 -3.59
N ILE A 266 -17.32 -3.82 -4.89
CA ILE A 266 -16.74 -2.83 -5.81
C ILE A 266 -17.62 -1.60 -5.77
N GLY A 267 -17.04 -0.42 -5.56
CA GLY A 267 -17.77 0.84 -5.57
C GLY A 267 -17.41 1.74 -6.74
N LYS A 268 -18.34 2.63 -7.06
CA LYS A 268 -18.15 3.67 -8.07
C LYS A 268 -17.46 4.85 -7.44
N CYS A 269 -16.14 4.84 -7.45
CA CYS A 269 -15.35 5.85 -6.77
C CYS A 269 -13.91 5.72 -7.25
N ASN A 270 -13.07 6.64 -6.80
CA ASN A 270 -11.73 6.78 -7.30
C ASN A 270 -10.75 6.80 -6.13
N SER A 271 -9.91 5.79 -6.05
CA SER A 271 -8.90 5.71 -4.99
C SER A 271 -7.69 4.91 -5.47
N GLU A 272 -6.50 5.46 -5.26
CA GLU A 272 -5.27 4.83 -5.74
C GLU A 272 -4.93 3.50 -5.06
N CYS A 273 -5.12 3.43 -3.75
CA CYS A 273 -4.62 2.31 -2.96
C CYS A 273 -5.71 1.34 -2.59
N ILE A 274 -5.52 0.07 -2.95
CA ILE A 274 -6.48 -0.97 -2.68
C ILE A 274 -5.90 -1.95 -1.67
N THR A 275 -6.71 -2.31 -0.68
CA THR A 275 -6.43 -3.44 0.20
C THR A 275 -7.64 -4.38 0.14
N PRO A 276 -7.49 -5.62 0.70
CA PRO A 276 -8.64 -6.55 0.79
C PRO A 276 -9.83 -6.05 1.58
N ASN A 277 -9.58 -5.10 2.48
CA ASN A 277 -10.63 -4.49 3.29
C ASN A 277 -11.40 -3.44 2.51
N GLY A 278 -10.85 -3.00 1.38
CA GLY A 278 -11.33 -1.85 0.63
C GLY A 278 -10.21 -0.86 0.33
N SER A 279 -10.57 0.14 -0.45
CA SER A 279 -9.64 1.19 -0.80
C SER A 279 -9.30 2.00 0.46
N ILE A 280 -8.07 2.48 0.56
CA ILE A 280 -7.67 3.35 1.66
C ILE A 280 -7.06 4.61 1.08
N PRO A 281 -7.29 5.74 1.77
CA PRO A 281 -6.56 6.96 1.45
C PRO A 281 -5.05 6.77 1.58
N ASN A 282 -4.31 7.43 0.68
CA ASN A 282 -2.88 7.28 0.64
C ASN A 282 -2.10 8.57 0.94
N ASP A 283 -2.71 9.50 1.65
CA ASP A 283 -2.02 10.71 2.10
C ASP A 283 -0.92 10.40 3.16
N LYS A 284 -1.17 9.44 4.04
CA LYS A 284 -0.23 9.15 5.13
C LYS A 284 0.88 8.19 4.66
N PRO A 285 2.08 8.26 5.28
CA PRO A 285 3.19 7.42 4.80
C PRO A 285 3.07 5.96 5.24
N PHE A 286 2.32 5.68 6.29
CA PHE A 286 2.15 4.35 6.83
C PHE A 286 0.68 3.99 6.99
N GLN A 287 0.44 2.69 7.19
CA GLN A 287 -0.90 2.14 7.39
C GLN A 287 -0.84 0.83 8.12
N ASN A 288 -1.88 0.56 8.93
N ASN A 288 -1.93 0.55 8.83
CA ASN A 288 -2.00 -0.73 9.61
CA ASN A 288 -2.06 -0.62 9.64
C ASN A 288 -3.32 -1.43 9.25
C ASN A 288 -3.28 -1.46 9.22
N VAL A 289 -3.84 -1.17 8.05
CA VAL A 289 -5.07 -1.78 7.58
C VAL A 289 -4.81 -3.21 7.10
N ASN A 290 -3.86 -3.38 6.18
CA ASN A 290 -3.58 -4.69 5.65
C ASN A 290 -2.16 -4.73 5.05
N ARG A 291 -1.46 -5.80 5.31
CA ARG A 291 -0.17 -6.03 4.63
C ARG A 291 -0.29 -6.29 3.12
N ILE A 292 -1.49 -6.67 2.65
CA ILE A 292 -1.76 -6.90 1.23
C ILE A 292 -2.26 -5.60 0.63
N THR A 293 -1.53 -5.10 -0.38
CA THR A 293 -1.87 -3.85 -1.03
C THR A 293 -1.64 -3.93 -2.53
N TYR A 294 -2.36 -3.06 -3.26
CA TYR A 294 -2.13 -2.86 -4.67
C TYR A 294 -2.25 -1.37 -4.94
N GLY A 295 -1.29 -0.82 -5.70
CA GLY A 295 -1.29 0.58 -6.10
C GLY A 295 -0.36 1.45 -5.25
N ALA A 296 -0.56 2.76 -5.34
CA ALA A 296 0.24 3.73 -4.57
C ALA A 296 -0.25 3.79 -3.16
N CYS A 297 0.42 3.08 -2.28
CA CYS A 297 -0.09 2.79 -0.94
C CYS A 297 0.87 3.19 0.16
N PRO A 298 0.34 3.61 1.32
CA PRO A 298 1.22 3.70 2.50
C PRO A 298 1.83 2.36 2.86
N ARG A 299 2.98 2.39 3.54
CA ARG A 299 3.69 1.19 3.92
C ARG A 299 3.05 0.61 5.14
N TYR A 300 2.88 -0.71 5.16
CA TYR A 300 2.31 -1.43 6.28
C TYR A 300 3.24 -1.48 7.48
N VAL A 301 2.74 -1.09 8.65
CA VAL A 301 3.46 -1.15 9.89
C VAL A 301 2.54 -1.75 10.96
N LYS A 302 3.16 -2.19 12.04
CA LYS A 302 2.43 -2.76 13.15
C LYS A 302 1.81 -1.72 14.08
N GLN A 303 2.33 -0.49 14.12
CA GLN A 303 1.78 0.55 15.01
C GLN A 303 0.35 0.94 14.58
N SER A 304 -0.53 1.17 15.55
CA SER A 304 -1.89 1.62 15.26
C SER A 304 -1.96 3.14 15.16
N THR A 305 -0.91 3.81 15.64
CA THR A 305 -0.86 5.26 15.62
C THR A 305 0.58 5.72 15.72
N LEU A 306 0.93 6.73 14.95
CA LEU A 306 2.18 7.43 15.08
C LEU A 306 1.94 8.91 14.90
N LYS A 307 2.09 9.68 15.97
CA LYS A 307 1.82 11.11 15.93
C LYS A 307 3.07 11.97 15.67
N LEU A 308 3.01 12.72 14.58
CA LEU A 308 4.04 13.68 14.21
C LEU A 308 3.67 15.05 14.77
N ALA A 309 4.54 15.60 15.60
CA ALA A 309 4.33 16.93 16.13
C ALA A 309 4.27 17.96 15.00
N THR A 310 3.29 18.85 15.06
CA THR A 310 3.21 19.97 14.11
C THR A 310 3.15 21.31 14.82
N GLY A 311 3.63 21.34 16.06
CA GLY A 311 3.70 22.55 16.83
C GLY A 311 4.70 22.36 17.96
N MET A 312 4.92 23.42 18.73
CA MET A 312 5.92 23.43 19.79
C MET A 312 5.44 22.73 21.05
N ARG A 313 6.35 22.59 22.02
CA ARG A 313 5.98 22.11 23.32
C ARG A 313 4.83 22.96 23.92
N ASN A 314 3.83 22.29 24.47
CA ASN A 314 2.70 22.96 25.11
C ASN A 314 2.92 23.07 26.64
N VAL A 315 2.98 24.31 27.13
CA VAL A 315 3.30 24.60 28.52
C VAL A 315 2.15 25.51 29.01
N PRO A 316 1.07 24.92 29.55
CA PRO A 316 -0.04 25.78 30.04
C PRO A 316 0.35 26.69 31.20
N GLU A 317 -0.42 27.78 31.37
CA GLU A 317 -0.03 28.94 32.22
C GLU A 317 0.04 28.67 33.71
N ALA B 5 2.04 40.78 37.64
CA ALA B 5 3.13 41.24 36.72
C ALA B 5 3.30 40.30 35.54
N ILE B 6 3.71 40.85 34.39
CA ILE B 6 3.90 40.06 33.18
C ILE B 6 5.15 39.17 33.32
N ALA B 7 5.18 38.06 32.58
CA ALA B 7 6.24 37.07 32.69
C ALA B 7 6.53 36.45 31.34
N GLY B 8 7.79 36.07 31.10
CA GLY B 8 8.25 35.58 29.81
C GLY B 8 8.09 34.09 29.60
N PHE B 9 8.82 33.57 28.60
CA PHE B 9 8.71 32.18 28.15
C PHE B 9 9.33 31.10 29.02
N ILE B 10 10.26 31.47 29.89
N ILE B 10 10.26 31.44 29.90
CA ILE B 10 10.84 30.47 30.78
CA ILE B 10 10.83 30.40 30.72
C ILE B 10 9.74 30.11 31.78
C ILE B 10 9.76 30.10 31.77
N GLU B 11 9.35 28.83 31.81
CA GLU B 11 8.33 28.29 32.75
C GLU B 11 6.83 28.34 32.32
N ASN B 12 6.38 29.26 31.45
CA ASN B 12 5.10 29.02 30.73
C ASN B 12 4.84 29.73 29.40
N GLY B 13 3.89 29.14 28.68
CA GLY B 13 3.33 29.72 27.47
C GLY B 13 2.14 30.59 27.77
N TRP B 14 1.63 31.21 26.72
CA TRP B 14 0.57 32.19 26.78
C TRP B 14 -0.64 31.68 26.00
N GLU B 15 -1.65 31.17 26.71
CA GLU B 15 -2.88 30.72 26.05
C GLU B 15 -3.62 31.87 25.36
N GLY B 16 -3.46 33.10 25.86
CA GLY B 16 -4.06 34.29 25.25
C GLY B 16 -3.42 34.83 23.97
N MET B 17 -2.27 34.29 23.57
CA MET B 17 -1.71 34.65 22.27
C MET B 17 -2.21 33.69 21.20
N VAL B 18 -3.24 34.14 20.49
CA VAL B 18 -3.93 33.37 19.49
C VAL B 18 -3.58 33.78 18.06
N ASP B 19 -2.87 34.89 17.87
CA ASP B 19 -2.54 35.41 16.52
C ASP B 19 -1.08 35.22 16.09
N GLY B 20 -0.36 34.40 16.83
CA GLY B 20 1.04 34.12 16.58
C GLY B 20 1.52 33.03 17.49
N TRP B 21 2.69 32.50 17.18
CA TRP B 21 3.34 31.47 17.98
C TRP B 21 4.33 32.05 18.98
N TYR B 22 4.93 33.17 18.65
CA TYR B 22 5.92 33.85 19.47
C TYR B 22 5.55 35.31 19.50
N GLY B 23 5.90 36.00 20.57
CA GLY B 23 5.60 37.43 20.67
C GLY B 23 6.11 38.08 21.93
N PHE B 24 5.60 39.29 22.13
CA PHE B 24 6.01 40.20 23.18
C PHE B 24 4.83 40.59 24.06
N ARG B 25 5.05 40.63 25.37
CA ARG B 25 4.18 41.37 26.28
C ARG B 25 4.96 42.50 26.93
N HIS B 26 4.31 43.65 27.11
CA HIS B 26 4.95 44.78 27.74
C HIS B 26 4.07 45.42 28.81
N GLN B 27 4.76 46.14 29.69
CA GLN B 27 4.18 47.08 30.64
C GLN B 27 4.98 48.39 30.55
N ASN B 28 4.28 49.50 30.34
CA ASN B 28 4.91 50.82 30.29
C ASN B 28 3.96 51.86 30.90
N SER B 29 4.22 53.15 30.70
CA SER B 29 3.37 54.16 31.30
C SER B 29 2.06 54.38 30.54
N GLU B 30 1.86 53.75 29.38
CA GLU B 30 0.56 53.79 28.69
C GLU B 30 -0.33 52.56 28.92
N GLY B 31 0.20 51.54 29.61
CA GLY B 31 -0.56 50.33 29.90
C GLY B 31 0.26 49.05 29.71
N ARG B 32 -0.48 48.00 29.38
CA ARG B 32 0.00 46.63 29.27
C ARG B 32 -0.53 46.07 27.97
N GLY B 33 0.29 45.36 27.21
CA GLY B 33 -0.19 44.73 25.99
C GLY B 33 0.63 43.56 25.49
N GLN B 34 0.15 43.02 24.37
CA GLN B 34 0.68 41.82 23.74
C GLN B 34 0.67 42.04 22.23
N ALA B 35 1.70 41.51 21.57
CA ALA B 35 1.79 41.56 20.12
C ALA B 35 2.55 40.32 19.62
N ALA B 36 2.00 39.67 18.60
CA ALA B 36 2.65 38.54 17.95
C ALA B 36 3.82 39.01 17.13
N ASP B 37 4.88 38.19 17.07
CA ASP B 37 5.99 38.39 16.14
C ASP B 37 5.80 37.46 14.95
N LEU B 38 5.55 38.05 13.78
CA LEU B 38 5.14 37.24 12.60
CA LEU B 38 5.17 37.31 12.54
C LEU B 38 6.32 36.50 11.96
N LYS B 39 7.50 37.11 11.94
CA LYS B 39 8.69 36.50 11.34
C LYS B 39 9.08 35.15 12.01
N SER B 40 9.25 35.17 13.33
CA SER B 40 9.60 33.95 14.07
C SER B 40 8.50 32.91 13.95
N THR B 41 7.24 33.33 14.07
CA THR B 41 6.10 32.45 13.84
C THR B 41 6.18 31.75 12.47
N GLN B 42 6.42 32.54 11.43
CA GLN B 42 6.45 32.03 10.06
C GLN B 42 7.64 31.09 9.83
N ALA B 43 8.76 31.40 10.46
CA ALA B 43 9.97 30.59 10.35
C ALA B 43 9.72 29.17 10.88
N ALA B 44 9.02 29.06 12.01
CA ALA B 44 8.66 27.76 12.58
C ALA B 44 7.66 27.02 11.70
N ILE B 45 6.60 27.72 11.31
CA ILE B 45 5.56 27.14 10.46
C ILE B 45 6.14 26.63 9.13
N ASP B 46 6.98 27.42 8.47
CA ASP B 46 7.57 27.00 7.19
C ASP B 46 8.37 25.71 7.31
N GLN B 47 9.12 25.60 8.40
CA GLN B 47 9.92 24.39 8.62
C GLN B 47 9.05 23.17 8.82
N ILE B 48 7.95 23.33 9.56
CA ILE B 48 7.05 22.24 9.85
C ILE B 48 6.31 21.85 8.57
N ASN B 49 5.90 22.82 7.77
CA ASN B 49 5.31 22.53 6.46
C ASN B 49 6.32 21.79 5.57
N GLY B 50 7.59 22.20 5.61
CA GLY B 50 8.67 21.48 4.95
C GLY B 50 8.71 19.99 5.25
N LYS B 51 8.70 19.63 6.53
CA LYS B 51 8.56 18.22 6.94
C LYS B 51 7.34 17.54 6.43
N LEU B 52 6.20 18.18 6.64
CA LEU B 52 4.93 17.59 6.21
C LEU B 52 4.94 17.25 4.72
N ASN B 53 5.50 18.16 3.91
CA ASN B 53 5.52 17.97 2.46
CA ASN B 53 5.53 17.96 2.46
C ASN B 53 6.41 16.76 2.07
N ARG B 54 7.44 16.48 2.85
CA ARG B 54 8.26 15.27 2.64
C ARG B 54 7.59 13.98 3.03
N LEU B 55 6.65 14.01 3.99
CA LEU B 55 6.03 12.79 4.53
C LEU B 55 4.60 12.51 4.03
N ILE B 56 3.89 13.54 3.62
CA ILE B 56 2.49 13.44 3.22
C ILE B 56 2.33 13.46 1.71
N GLY B 57 1.52 12.54 1.20
CA GLY B 57 1.23 12.45 -0.22
C GLY B 57 2.39 11.94 -1.06
N LYS B 58 3.25 11.10 -0.48
CA LYS B 58 4.49 10.63 -1.13
C LYS B 58 4.57 9.12 -1.28
N THR B 59 3.42 8.44 -1.30
CA THR B 59 3.43 6.97 -1.37
C THR B 59 4.01 6.41 -2.69
N ASN B 60 4.36 5.15 -2.58
CA ASN B 60 5.18 4.35 -3.48
C ASN B 60 4.28 3.28 -4.10
N GLU B 61 4.21 3.17 -5.43
CA GLU B 61 3.40 2.10 -6.08
C GLU B 61 4.05 0.72 -6.04
N LYS B 62 3.31 -0.30 -5.60
CA LYS B 62 3.69 -1.70 -5.80
C LYS B 62 2.54 -2.46 -6.44
N PHE B 63 2.85 -3.53 -7.14
CA PHE B 63 1.89 -4.22 -7.97
C PHE B 63 1.82 -5.68 -7.57
N HIS B 64 2.19 -6.62 -8.45
CA HIS B 64 2.17 -8.02 -8.06
C HIS B 64 3.34 -8.35 -7.11
N GLN B 65 3.04 -9.01 -5.99
N GLN B 65 3.06 -9.01 -5.99
CA GLN B 65 4.02 -9.25 -4.93
CA GLN B 65 4.06 -9.25 -4.95
C GLN B 65 4.01 -10.75 -4.60
C GLN B 65 4.15 -10.75 -4.60
N ILE B 66 4.05 -11.12 -3.33
CA ILE B 66 3.92 -12.50 -2.92
C ILE B 66 2.61 -12.57 -2.18
N GLU B 67 2.11 -13.79 -2.04
CA GLU B 67 0.94 -14.04 -1.21
C GLU B 67 1.33 -13.95 0.27
N LYS B 68 0.37 -13.51 1.07
CA LYS B 68 0.62 -13.22 2.49
C LYS B 68 -0.36 -13.89 3.46
N GLU B 69 -1.36 -14.59 2.93
CA GLU B 69 -2.30 -15.40 3.70
C GLU B 69 -2.42 -16.73 2.94
N PHE B 70 -2.63 -17.84 3.68
CA PHE B 70 -2.56 -19.19 3.13
C PHE B 70 -3.68 -20.08 3.70
N SER B 71 -4.46 -20.69 2.83
CA SER B 71 -5.59 -21.56 3.24
C SER B 71 -5.15 -22.99 3.60
N GLU B 72 -3.97 -23.42 3.14
CA GLU B 72 -3.43 -24.75 3.43
C GLU B 72 -2.03 -24.67 4.03
N VAL B 73 -1.72 -25.66 4.85
CA VAL B 73 -0.39 -25.92 5.43
C VAL B 73 0.48 -26.48 4.32
N GLU B 74 1.67 -25.94 4.15
CA GLU B 74 2.59 -26.39 3.10
C GLU B 74 4.04 -26.65 3.58
N GLY B 75 4.50 -25.98 4.63
CA GLY B 75 5.86 -26.16 5.11
C GLY B 75 6.85 -25.17 4.52
N ARG B 76 7.94 -25.70 3.96
CA ARG B 76 9.15 -24.93 3.68
C ARG B 76 8.94 -23.63 2.88
N ILE B 77 8.32 -23.71 1.71
CA ILE B 77 8.12 -22.51 0.89
C ILE B 77 7.26 -21.45 1.61
N GLN B 78 6.17 -21.90 2.24
CA GLN B 78 5.29 -21.01 2.98
C GLN B 78 5.98 -20.41 4.20
N ASP B 79 6.79 -21.20 4.92
CA ASP B 79 7.61 -20.69 6.03
C ASP B 79 8.46 -19.51 5.55
N LEU B 80 9.06 -19.66 4.36
CA LEU B 80 9.93 -18.63 3.81
C LEU B 80 9.15 -17.37 3.41
N GLU B 81 8.04 -17.55 2.72
CA GLU B 81 7.19 -16.43 2.31
C GLU B 81 6.75 -15.61 3.55
N LYS B 82 6.30 -16.32 4.57
CA LYS B 82 5.91 -15.69 5.83
C LYS B 82 7.03 -14.94 6.54
N TYR B 83 8.22 -15.55 6.56
CA TYR B 83 9.37 -14.99 7.23
C TYR B 83 9.86 -13.75 6.48
N VAL B 84 9.86 -13.80 5.16
CA VAL B 84 10.21 -12.64 4.37
C VAL B 84 9.29 -11.45 4.71
N GLU B 85 7.99 -11.69 4.75
CA GLU B 85 7.04 -10.63 5.04
C GLU B 85 7.12 -10.08 6.47
N ASP B 86 7.21 -10.98 7.44
CA ASP B 86 7.41 -10.60 8.85
C ASP B 86 8.67 -9.75 9.04
N THR B 87 9.75 -10.19 8.40
CA THR B 87 11.00 -9.48 8.40
C THR B 87 10.84 -8.08 7.88
N LYS B 88 10.20 -7.97 6.72
CA LYS B 88 9.98 -6.67 6.11
C LYS B 88 9.14 -5.71 6.99
N ILE B 89 8.03 -6.24 7.51
CA ILE B 89 7.14 -5.43 8.34
C ILE B 89 7.85 -4.93 9.62
N ASP B 90 8.64 -5.79 10.24
CA ASP B 90 9.36 -5.38 11.45
C ASP B 90 10.37 -4.28 11.13
N LEU B 91 11.09 -4.42 10.03
CA LEU B 91 12.03 -3.38 9.63
C LEU B 91 11.38 -2.03 9.30
N TRP B 92 10.26 -2.08 8.58
CA TRP B 92 9.50 -0.82 8.32
C TRP B 92 8.90 -0.21 9.59
N SER B 93 8.41 -1.06 10.50
CA SER B 93 7.84 -0.59 11.74
C SER B 93 8.92 0.12 12.56
N TYR B 94 10.12 -0.43 12.56
CA TYR B 94 11.26 0.19 13.22
C TYR B 94 11.59 1.54 12.56
N ASN B 95 11.63 1.57 11.21
CA ASN B 95 11.95 2.79 10.51
C ASN B 95 10.92 3.90 10.85
N ALA B 96 9.65 3.49 10.89
CA ALA B 96 8.57 4.46 11.20
C ALA B 96 8.74 5.02 12.61
N GLU B 97 8.99 4.12 13.59
CA GLU B 97 9.14 4.52 15.00
C GLU B 97 10.31 5.53 15.17
N LEU B 98 11.47 5.18 14.63
CA LEU B 98 12.65 6.04 14.72
C LEU B 98 12.42 7.37 14.04
N LEU B 99 11.81 7.33 12.85
CA LEU B 99 11.63 8.53 12.04
C LEU B 99 10.78 9.54 12.79
N VAL B 100 9.68 9.08 13.39
CA VAL B 100 8.77 9.96 14.13
CA VAL B 100 8.79 9.99 14.09
C VAL B 100 9.45 10.52 15.38
N ALA B 101 10.18 9.67 16.11
CA ALA B 101 10.94 10.16 17.28
C ALA B 101 11.98 11.26 16.89
N LEU B 102 12.72 11.02 15.81
CA LEU B 102 13.74 12.00 15.35
CA LEU B 102 13.74 11.97 15.32
C LEU B 102 13.08 13.27 14.82
N GLU B 103 12.07 13.12 14.00
CA GLU B 103 11.29 14.28 13.51
C GLU B 103 10.70 15.13 14.64
N ASN B 104 10.10 14.48 15.62
CA ASN B 104 9.51 15.18 16.73
C ASN B 104 10.56 15.88 17.61
N GLN B 105 11.70 15.21 17.84
CA GLN B 105 12.84 15.88 18.48
C GLN B 105 13.26 17.15 17.76
N HIS B 106 13.44 17.02 16.45
CA HIS B 106 13.83 18.15 15.65
C HIS B 106 12.77 19.29 15.66
N THR B 107 11.49 18.93 15.66
CA THR B 107 10.42 19.94 15.76
C THR B 107 10.46 20.72 17.08
N ILE B 108 10.62 20.00 18.19
N ILE B 108 10.61 20.00 18.19
CA ILE B 108 10.76 20.65 19.48
CA ILE B 108 10.78 20.64 19.49
C ILE B 108 12.01 21.53 19.52
C ILE B 108 12.01 21.55 19.49
N ASP B 109 13.14 21.04 18.99
CA ASP B 109 14.37 21.84 18.91
C ASP B 109 14.25 23.09 18.04
N LEU B 110 13.65 22.97 16.84
CA LEU B 110 13.50 24.14 15.97
C LEU B 110 12.52 25.17 16.55
N THR B 111 11.47 24.73 17.25
CA THR B 111 10.52 25.66 17.84
C THR B 111 11.11 26.36 19.10
N ASP B 112 11.84 25.61 19.92
CA ASP B 112 12.61 26.20 21.02
C ASP B 112 13.64 27.21 20.51
N SER B 113 14.30 26.84 19.40
CA SER B 113 15.30 27.69 18.79
C SER B 113 14.75 29.06 18.34
N GLU B 114 13.58 29.09 17.71
CA GLU B 114 12.98 30.36 17.32
C GLU B 114 12.68 31.24 18.54
N MET B 115 12.19 30.67 19.65
CA MET B 115 12.03 31.43 20.90
C MET B 115 13.36 32.05 21.37
N ASN B 116 14.41 31.23 21.45
N ASN B 116 14.40 31.22 21.44
CA ASN B 116 15.72 31.72 21.90
CA ASN B 116 15.73 31.67 21.85
C ASN B 116 16.27 32.81 20.96
C ASN B 116 16.27 32.79 20.95
N LYS B 117 16.12 32.62 19.64
CA LYS B 117 16.58 33.60 18.65
C LYS B 117 15.89 34.96 18.85
N LEU B 118 14.58 34.94 19.13
CA LEU B 118 13.83 36.18 19.30
C LEU B 118 14.26 36.90 20.57
N PHE B 119 14.43 36.13 21.65
CA PHE B 119 14.95 36.66 22.91
C PHE B 119 16.33 37.32 22.74
N GLU B 120 17.27 36.59 22.12
CA GLU B 120 18.61 37.12 21.88
C GLU B 120 18.63 38.37 21.03
N LYS B 121 17.83 38.38 19.96
CA LYS B 121 17.69 39.55 19.11
C LYS B 121 17.25 40.78 19.90
N THR B 122 16.24 40.59 20.75
CA THR B 122 15.73 41.65 21.60
C THR B 122 16.80 42.15 22.56
N LYS B 123 17.50 41.20 23.23
CA LYS B 123 18.60 41.53 24.15
C LYS B 123 19.65 42.42 23.47
N LYS B 124 19.99 42.07 22.23
CA LYS B 124 21.01 42.80 21.49
C LYS B 124 20.56 44.17 20.96
N GLN B 125 19.26 44.39 20.80
CA GLN B 125 18.76 45.74 20.54
C GLN B 125 18.89 46.63 21.76
N LEU B 126 18.52 46.12 22.92
CA LEU B 126 18.46 46.91 24.15
C LEU B 126 19.81 47.22 24.77
N ARG B 127 20.71 46.23 24.71
CA ARG B 127 22.08 46.37 25.13
C ARG B 127 22.12 46.86 26.56
N GLU B 128 23.10 47.72 26.81
CA GLU B 128 23.22 48.76 27.82
C GLU B 128 21.91 49.32 28.51
N ASN B 129 20.79 49.46 27.77
CA ASN B 129 19.58 50.12 28.32
C ASN B 129 18.62 49.25 29.14
N ALA B 130 18.90 47.94 29.20
CA ALA B 130 18.01 47.04 29.91
C ALA B 130 18.76 45.92 30.60
N GLU B 131 18.09 45.32 31.55
CA GLU B 131 18.60 44.18 32.25
C GLU B 131 17.72 42.94 32.04
N ASP B 132 18.39 41.85 31.74
CA ASP B 132 17.78 40.54 31.59
C ASP B 132 17.33 40.05 32.97
N MET B 133 16.01 39.92 33.17
CA MET B 133 15.45 39.50 34.47
CA MET B 133 15.47 39.50 34.48
C MET B 133 15.52 37.97 34.70
N GLY B 134 16.05 37.22 33.73
CA GLY B 134 16.22 35.76 33.88
C GLY B 134 14.97 34.89 33.67
N ASN B 135 13.88 35.52 33.28
CA ASN B 135 12.59 34.88 33.15
C ASN B 135 11.95 35.11 31.76
N GLY B 136 12.77 35.51 30.79
CA GLY B 136 12.33 35.93 29.48
C GLY B 136 11.95 37.40 29.37
N CYS B 137 12.11 38.16 30.45
CA CYS B 137 11.75 39.59 30.44
C CYS B 137 12.96 40.48 30.64
N PHE B 138 12.86 41.69 30.08
CA PHE B 138 13.80 42.76 30.24
C PHE B 138 13.15 43.90 31.00
N LYS B 139 13.92 44.47 31.93
CA LYS B 139 13.58 45.72 32.59
C LYS B 139 14.32 46.80 31.83
N ILE B 140 13.55 47.71 31.25
CA ILE B 140 14.07 48.75 30.40
C ILE B 140 14.16 50.00 31.29
N TYR B 141 15.34 50.61 31.40
CA TYR B 141 15.55 51.70 32.37
C TYR B 141 15.36 53.11 31.83
N HIS B 142 14.44 53.28 30.90
CA HIS B 142 14.08 54.58 30.38
C HIS B 142 12.61 54.55 30.05
N LYS B 143 12.00 55.73 29.95
CA LYS B 143 10.61 55.83 29.51
C LYS B 143 10.54 55.21 28.13
N CYS B 144 9.61 54.29 27.96
CA CYS B 144 9.48 53.59 26.69
C CYS B 144 7.99 53.41 26.42
N ASP B 145 7.44 54.40 25.72
CA ASP B 145 6.01 54.46 25.38
C ASP B 145 5.65 53.43 24.31
N ASN B 146 4.40 53.45 23.83
CA ASN B 146 3.95 52.43 22.89
C ASN B 146 4.76 52.46 21.59
N ALA B 147 5.12 53.65 21.13
CA ALA B 147 5.96 53.79 19.93
C ALA B 147 7.35 53.23 20.17
N CYS B 148 7.89 53.47 21.35
CA CYS B 148 9.17 52.90 21.72
C CYS B 148 9.16 51.35 21.72
N ILE B 149 8.15 50.77 22.39
CA ILE B 149 7.99 49.32 22.43
C ILE B 149 7.86 48.79 21.01
N GLY B 150 7.00 49.42 20.21
CA GLY B 150 6.87 49.11 18.79
C GLY B 150 8.18 49.12 17.99
N SER B 151 9.02 50.11 18.23
CA SER B 151 10.34 50.20 17.60
C SER B 151 11.23 49.01 17.99
N ILE B 152 11.09 48.49 19.22
CA ILE B 152 11.83 47.30 19.59
C ILE B 152 11.30 46.07 18.82
N ARG B 153 9.98 45.90 18.84
CA ARG B 153 9.33 44.83 18.08
C ARG B 153 9.65 44.83 16.56
N ASN B 154 9.77 46.01 15.96
CA ASN B 154 10.05 46.17 14.53
C ASN B 154 11.54 46.20 14.17
N GLY B 155 12.42 46.10 15.16
CA GLY B 155 13.86 46.13 14.90
C GLY B 155 14.41 47.49 14.48
N THR B 156 13.70 48.58 14.80
CA THR B 156 14.15 49.95 14.47
C THR B 156 14.59 50.76 15.72
N TYR B 157 14.58 50.13 16.88
CA TYR B 157 15.01 50.76 18.15
C TYR B 157 16.50 51.13 18.11
N ASP B 158 16.79 52.40 18.39
CA ASP B 158 18.17 52.90 18.49
C ASP B 158 18.50 53.15 19.97
N HIS B 159 19.28 52.25 20.57
CA HIS B 159 19.64 52.36 21.98
C HIS B 159 20.36 53.67 22.32
N ASP B 160 21.04 54.26 21.34
CA ASP B 160 21.74 55.54 21.54
C ASP B 160 20.81 56.69 21.95
N VAL B 161 19.58 56.68 21.44
CA VAL B 161 18.58 57.71 21.78
C VAL B 161 18.31 57.76 23.28
N TYR B 162 18.31 56.58 23.93
CA TYR B 162 17.92 56.44 25.34
C TYR B 162 19.05 56.17 26.32
N ARG B 163 20.25 55.97 25.78
CA ARG B 163 21.40 55.52 26.54
C ARG B 163 21.70 56.40 27.75
N ASP B 164 21.74 57.71 27.53
CA ASP B 164 22.02 58.65 28.62
C ASP B 164 21.00 58.47 29.73
N GLU B 165 19.72 58.50 29.36
CA GLU B 165 18.65 58.33 30.33
C GLU B 165 18.77 56.99 31.06
N ALA B 166 18.98 55.92 30.28
CA ALA B 166 19.05 54.57 30.82
C ALA B 166 20.22 54.36 31.78
N LEU B 167 21.41 54.77 31.39
CA LEU B 167 22.58 54.61 32.27
C LEU B 167 22.41 55.43 33.54
N ASN B 168 21.93 56.66 33.40
CA ASN B 168 21.66 57.51 34.55
C ASN B 168 20.75 56.79 35.56
N ASN B 169 19.74 56.08 35.05
CA ASN B 169 18.83 55.32 35.90
C ASN B 169 19.44 54.08 36.53
N ARG B 170 20.15 53.28 35.73
CA ARG B 170 20.80 52.07 36.22
C ARG B 170 21.88 52.33 37.25
N PHE B 171 22.77 53.27 36.98
CA PHE B 171 23.97 53.43 37.80
C PHE B 171 23.89 54.59 38.79
N GLN B 172 22.67 54.98 39.17
CA GLN B 172 22.45 55.79 40.37
C GLN B 172 22.23 54.82 41.55
N ILE B 173 22.73 55.21 42.72
CA ILE B 173 22.58 54.42 43.95
C ILE B 173 21.16 54.59 44.50
#